data_2DYX
#
_entry.id   2DYX
#
_cell.length_a   63.588
_cell.length_b   50.400
_cell.length_c   65.930
_cell.angle_alpha   90.00
_cell.angle_beta   107.86
_cell.angle_gamma   90.00
#
_symmetry.space_group_name_H-M   'P 1 21 1'
#
loop_
_entity.id
_entity.type
_entity.pdbx_description
1 polymer Lactotransferrin
2 branched alpha-D-mannopyranose-(1-4)-[beta-D-mannopyranose-(1-6)]beta-D-mannopyranose-(1-4)-2-acetamido-2-deoxy-beta-D-glucopyranose-(1-4)-2-acetamido-2-deoxy-beta-D-glucopyranose
3 branched 2-acetamido-2-deoxy-beta-D-glucopyranose-(1-4)-2-acetamido-2-deoxy-beta-D-glucopyranose
4 branched beta-D-mannopyranose-(1-4)-alpha-D-mannopyranose-(1-4)-beta-D-mannopyranose-(1-4)-beta-D-mannopyranose-(1-4)-2-acetamido-2-deoxy-beta-D-glucopyranose-(1-4)-2-acetamido-2-deoxy-beta-D-glucopyranose
5 branched beta-D-galactopyranose-(1-6)-beta-D-glucopyranose
6 non-polymer 'FE (III) ION'
7 non-polymer 'CARBONATE ION'
8 non-polymer 'ZINC ION'
9 non-polymer 'SULFATE ION'
10 water water
#
_entity_poly.entity_id   1
_entity_poly.type   'polypeptide(L)'
_entity_poly.pdbx_seq_one_letter_code
;YTRVVWCAVGPEEQKKCQQWSQQSGQNVTCATASTTDDCIVLVLKGEADALNLDGGYIYTAGKCGLVPVLAENRKSSKHS
SLDCVLRPTEGYLAVAVVKKANEGLTWNSLKDKKSCHTAVDRTAGWNIPMGLIVNQTGSCAFDEFFSQSCAPGADPKSRL
CALCAGDDQGLDKCVPNSKEKYYGYTGAFRCLAEDVGDVAFVKNDTVWENTNGESTADWAKNLKREDFRLLCLDGTRKPV
TEAQSCHLAVAPNHAVVSRSDRAAHVEQVLLHQQALFGKNGKNCPDKFCLFKSETKNLLFNDNTECLAKLGGRPTYEEYL
GTEYVTAIANLKKCSTSPLLEACAF
;
_entity_poly.pdbx_strand_id   A
#
# COMPACT_ATOMS: atom_id res chain seq x y z
N TYR A 1 3.37 25.73 -14.23
CA TYR A 1 4.85 25.73 -14.54
C TYR A 1 5.64 25.08 -13.40
N THR A 2 5.86 25.84 -12.32
CA THR A 2 6.44 25.31 -11.08
C THR A 2 5.32 24.74 -10.19
N ARG A 3 4.19 24.44 -10.82
CA ARG A 3 3.02 23.86 -10.17
C ARG A 3 2.90 22.37 -10.51
N VAL A 4 2.60 21.57 -9.50
CA VAL A 4 2.48 20.12 -9.63
C VAL A 4 1.01 19.67 -9.44
N VAL A 5 0.52 18.82 -10.32
CA VAL A 5 -0.82 18.26 -10.18
C VAL A 5 -0.73 16.88 -9.54
N TRP A 6 -1.25 16.76 -8.33
CA TRP A 6 -1.25 15.47 -7.65
C TRP A 6 -2.46 14.64 -8.09
N CYS A 7 -2.30 13.32 -8.22
CA CYS A 7 -3.48 12.49 -8.51
C CYS A 7 -3.98 11.77 -7.25
N ALA A 8 -5.23 12.05 -6.87
CA ALA A 8 -5.88 11.51 -5.69
C ALA A 8 -6.76 10.34 -6.11
N VAL A 9 -6.73 9.25 -5.32
CA VAL A 9 -7.55 8.07 -5.62
C VAL A 9 -8.78 8.07 -4.70
N GLY A 10 -9.94 8.36 -5.30
CA GLY A 10 -11.19 8.39 -4.57
C GLY A 10 -11.42 9.68 -3.79
N PRO A 11 -12.62 9.83 -3.22
CA PRO A 11 -13.11 11.06 -2.58
C PRO A 11 -12.40 11.52 -1.29
N GLU A 12 -11.86 10.61 -0.49
CA GLU A 12 -11.21 10.98 0.75
C GLU A 12 -9.81 11.52 0.50
N GLU A 13 -9.09 10.91 -0.44
CA GLU A 13 -7.78 11.44 -0.82
C GLU A 13 -7.95 12.78 -1.51
N GLN A 14 -9.04 12.91 -2.25
CA GLN A 14 -9.35 14.18 -2.93
C GLN A 14 -9.53 15.31 -1.90
N LYS A 15 -10.27 15.05 -0.84
CA LYS A 15 -10.43 16.00 0.27
C LYS A 15 -9.10 16.38 0.95
N LYS A 16 -8.25 15.41 1.26
CA LYS A 16 -6.91 15.73 1.78
C LYS A 16 -6.08 16.56 0.79
N CYS A 17 -6.11 16.20 -0.48
CA CYS A 17 -5.34 16.91 -1.48
C CYS A 17 -5.79 18.37 -1.56
N GLN A 18 -7.11 18.61 -1.53
CA GLN A 18 -7.65 19.97 -1.59
C GLN A 18 -7.11 20.86 -0.46
N GLN A 19 -7.07 20.30 0.75
CA GLN A 19 -6.45 20.98 1.90
C GLN A 19 -4.99 21.34 1.69
N TRP A 20 -4.22 20.38 1.20
CA TRP A 20 -2.83 20.57 0.86
C TRP A 20 -2.70 21.61 -0.24
N SER A 21 -3.57 21.53 -1.24
CA SER A 21 -3.58 22.49 -2.32
C SER A 21 -3.75 23.92 -1.79
N GLN A 22 -4.79 24.11 -1.00
CA GLN A 22 -5.06 25.38 -0.30
C GLN A 22 -3.88 25.94 0.49
N GLN A 23 -3.33 25.12 1.40
CA GLN A 23 -2.19 25.46 2.24
C GLN A 23 -0.91 25.72 1.49
N SER A 24 -0.76 25.09 0.33
CA SER A 24 0.44 25.24 -0.48
C SER A 24 0.32 26.50 -1.38
N GLY A 25 -0.81 27.20 -1.26
CA GLY A 25 -1.06 28.36 -2.11
C GLY A 25 -1.06 28.03 -3.59
N GLN A 26 -1.62 26.86 -3.91
CA GLN A 26 -1.73 26.37 -5.30
C GLN A 26 -0.40 26.01 -5.92
N ASN A 27 0.64 25.85 -5.12
CA ASN A 27 1.84 25.19 -5.64
C ASN A 27 1.52 23.73 -6.00
N VAL A 28 0.56 23.14 -5.30
CA VAL A 28 0.05 21.83 -5.62
C VAL A 28 -1.44 21.94 -5.89
N THR A 29 -1.88 21.31 -6.96
CA THR A 29 -3.31 21.20 -7.24
C THR A 29 -3.63 19.72 -7.42
N CYS A 30 -4.90 19.40 -7.61
CA CYS A 30 -5.37 18.03 -7.48
C CYS A 30 -6.18 17.58 -8.67
N ALA A 31 -5.86 16.41 -9.20
CA ALA A 31 -6.74 15.69 -10.09
C ALA A 31 -7.22 14.45 -9.30
N THR A 32 -8.42 13.95 -9.60
CA THR A 32 -8.97 12.77 -8.89
C THR A 32 -9.43 11.70 -9.88
N ALA A 33 -9.21 10.44 -9.53
CA ALA A 33 -9.64 9.25 -10.31
C ALA A 33 -10.21 8.22 -9.34
N SER A 34 -11.01 7.29 -9.84
CA SER A 34 -11.63 6.29 -8.98
C SER A 34 -10.67 5.16 -8.62
N THR A 35 -9.57 5.06 -9.36
CA THR A 35 -8.67 3.94 -9.13
C THR A 35 -7.26 4.37 -9.44
N THR A 36 -6.30 3.62 -8.90
CA THR A 36 -4.90 3.91 -9.08
C THR A 36 -4.54 3.80 -10.57
N ASP A 37 -5.08 2.79 -11.24
CA ASP A 37 -4.81 2.63 -12.66
C ASP A 37 -5.29 3.80 -13.48
N ASP A 38 -6.45 4.37 -13.12
CA ASP A 38 -6.90 5.59 -13.77
C ASP A 38 -6.00 6.76 -13.48
N CYS A 39 -5.47 6.87 -12.27
CA CYS A 39 -4.51 7.94 -11.97
C CYS A 39 -3.27 7.80 -12.83
N ILE A 40 -2.81 6.57 -13.03
CA ILE A 40 -1.64 6.30 -13.87
C ILE A 40 -1.83 6.78 -15.30
N VAL A 41 -3.05 6.62 -15.81
CA VAL A 41 -3.42 7.07 -17.14
C VAL A 41 -3.44 8.59 -17.22
N LEU A 42 -3.99 9.25 -16.18
CA LEU A 42 -3.94 10.71 -16.13
C LEU A 42 -2.49 11.20 -16.21
N VAL A 43 -1.61 10.55 -15.45
CA VAL A 43 -0.19 10.94 -15.48
C VAL A 43 0.43 10.78 -16.88
N LEU A 44 0.19 9.64 -17.52
CA LEU A 44 0.68 9.37 -18.89
C LEU A 44 0.16 10.40 -19.90
N LYS A 45 -1.12 10.77 -19.75
CA LYS A 45 -1.69 11.78 -20.63
C LYS A 45 -1.09 13.16 -20.37
N GLY A 46 -0.46 13.33 -19.19
CA GLY A 46 0.06 14.61 -18.78
C GLY A 46 -0.96 15.49 -18.12
N GLU A 47 -2.10 14.92 -17.73
CA GLU A 47 -3.15 15.68 -17.04
C GLU A 47 -2.97 15.70 -15.53
N ALA A 48 -2.15 14.80 -15.01
CA ALA A 48 -1.63 14.89 -13.66
C ALA A 48 -0.11 14.67 -13.73
N ASP A 49 0.58 15.07 -12.66
CA ASP A 49 2.05 14.90 -12.60
C ASP A 49 2.56 13.70 -11.83
N ALA A 50 1.86 13.33 -10.77
CA ALA A 50 2.49 12.46 -9.76
C ALA A 50 1.49 11.89 -8.77
N LEU A 51 1.86 10.76 -8.19
CA LEU A 51 1.17 10.14 -7.06
C LEU A 51 2.14 9.15 -6.42
N ASN A 52 1.86 8.78 -5.18
CA ASN A 52 2.67 7.83 -4.41
C ASN A 52 2.02 6.47 -4.62
N LEU A 53 2.82 5.45 -4.96
CA LEU A 53 2.34 4.12 -5.35
C LEU A 53 2.99 2.98 -4.57
N ASP A 54 2.18 1.98 -4.25
CA ASP A 54 2.72 0.71 -3.76
C ASP A 54 3.58 0.04 -4.86
N GLY A 55 4.55 -0.76 -4.45
CA GLY A 55 5.44 -1.44 -5.40
C GLY A 55 4.77 -2.19 -6.55
N GLY A 56 3.64 -2.86 -6.31
CA GLY A 56 2.93 -3.58 -7.41
C GLY A 56 2.47 -2.64 -8.52
N TYR A 57 2.05 -1.44 -8.13
CA TYR A 57 1.63 -0.45 -9.12
C TYR A 57 2.83 0.23 -9.78
N ILE A 58 3.95 0.30 -9.09
CA ILE A 58 5.15 0.88 -9.67
C ILE A 58 5.59 0.02 -10.86
N TYR A 59 5.37 -1.29 -10.76
CA TYR A 59 5.66 -2.20 -11.86
C TYR A 59 4.78 -1.90 -13.10
N THR A 60 3.47 -1.76 -12.90
CA THR A 60 2.53 -1.31 -13.94
C THR A 60 2.94 0.03 -14.59
N ALA A 61 3.19 1.01 -13.74
CA ALA A 61 3.52 2.35 -14.20
C ALA A 61 4.85 2.32 -14.97
N GLY A 62 5.77 1.46 -14.54
CA GLY A 62 7.14 1.40 -15.03
C GLY A 62 7.18 0.90 -16.45
N LYS A 63 6.45 -0.18 -16.70
CA LYS A 63 6.25 -0.66 -18.06
C LYS A 63 5.71 0.42 -19.03
N CYS A 64 4.98 1.39 -18.49
CA CYS A 64 4.46 2.49 -19.29
C CYS A 64 5.41 3.69 -19.33
N GLY A 65 6.58 3.55 -18.72
CA GLY A 65 7.58 4.62 -18.76
C GLY A 65 7.62 5.61 -17.59
N LEU A 66 6.75 5.43 -16.60
CA LEU A 66 6.83 6.32 -15.44
C LEU A 66 8.03 5.90 -14.60
N VAL A 67 8.59 6.82 -13.84
CA VAL A 67 9.80 6.54 -13.07
C VAL A 67 9.60 6.88 -11.60
N PRO A 68 10.32 6.16 -10.72
CA PRO A 68 10.35 6.51 -9.29
C PRO A 68 11.13 7.79 -9.04
N VAL A 69 10.61 8.66 -8.16
CA VAL A 69 11.19 9.98 -7.94
C VAL A 69 11.74 10.15 -6.51
N LEU A 70 10.91 9.83 -5.52
CA LEU A 70 11.29 9.87 -4.11
C LEU A 70 10.55 8.72 -3.43
N ALA A 71 11.16 8.15 -2.38
CA ALA A 71 10.56 7.04 -1.66
C ALA A 71 10.07 7.37 -0.25
N GLU A 72 8.97 6.74 0.18
CA GLU A 72 8.60 6.83 1.59
C GLU A 72 9.75 6.28 2.45
N ASN A 73 10.09 7.02 3.51
CA ASN A 73 11.07 6.53 4.45
C ASN A 73 10.43 6.60 5.82
N ARG A 74 10.36 5.48 6.52
CA ARG A 74 9.86 5.52 7.89
C ARG A 74 11.03 5.54 8.88
N LYS A 75 10.72 5.63 10.17
CA LYS A 75 11.79 5.69 11.18
C LYS A 75 12.60 4.39 11.31
N SER A 76 13.89 4.52 11.55
CA SER A 76 14.72 3.36 11.80
C SER A 76 15.68 3.62 12.96
N SER A 77 16.17 2.53 13.55
CA SER A 77 17.17 2.61 14.60
C SER A 77 18.58 2.54 14.01
N LYS A 78 18.66 2.12 12.74
CA LYS A 78 19.92 2.07 11.98
C LYS A 78 19.99 3.25 11.01
N HIS A 79 21.20 3.68 10.67
CA HIS A 79 21.42 4.87 9.81
C HIS A 79 20.83 6.13 10.44
N SER A 80 20.55 6.08 11.74
CA SER A 80 19.94 7.18 12.49
C SER A 80 20.75 8.49 12.37
N SER A 81 22.06 8.35 12.20
CA SER A 81 22.97 9.48 12.03
C SER A 81 22.64 10.31 10.78
N LEU A 82 22.38 9.63 9.67
CA LEU A 82 22.01 10.28 8.42
C LEU A 82 20.62 10.94 8.46
N ASP A 83 20.51 12.07 7.77
CA ASP A 83 19.23 12.75 7.66
C ASP A 83 18.22 11.85 6.94
N CYS A 84 16.95 11.98 7.29
CA CYS A 84 15.90 11.15 6.68
C CYS A 84 15.92 11.17 5.14
N VAL A 85 16.10 12.35 4.54
CA VAL A 85 16.00 12.51 3.11
C VAL A 85 17.13 11.81 2.36
N LEU A 86 18.25 11.61 3.05
CA LEU A 86 19.44 10.99 2.48
C LEU A 86 19.60 9.52 2.92
N ARG A 87 18.89 9.13 3.97
CA ARG A 87 18.92 7.75 4.48
C ARG A 87 18.39 6.74 3.44
N PRO A 88 19.10 5.61 3.27
CA PRO A 88 18.58 4.54 2.42
C PRO A 88 17.29 3.96 3.00
N THR A 89 16.40 3.49 2.13
CA THR A 89 15.16 2.86 2.57
C THR A 89 15.41 1.41 2.99
N GLU A 90 14.58 0.92 3.91
CA GLU A 90 14.74 -0.45 4.39
C GLU A 90 13.75 -1.46 3.79
N GLY A 91 12.54 -1.04 3.52
CA GLY A 91 11.57 -1.97 2.93
C GLY A 91 10.66 -2.46 4.04
N TYR A 92 9.47 -2.88 3.72
CA TYR A 92 8.61 -3.29 4.79
C TYR A 92 8.42 -4.81 4.76
N LEU A 93 7.92 -5.38 5.84
CA LEU A 93 7.76 -6.81 5.87
C LEU A 93 6.33 -7.22 5.54
N ALA A 94 6.16 -8.00 4.47
CA ALA A 94 4.86 -8.57 4.16
C ALA A 94 4.58 -9.74 5.10
N VAL A 95 3.45 -9.69 5.80
CA VAL A 95 3.05 -10.76 6.74
C VAL A 95 1.64 -11.33 6.44
N ALA A 96 1.39 -12.54 6.94
CA ALA A 96 0.03 -13.08 6.94
C ALA A 96 -0.40 -13.19 8.40
N VAL A 97 -1.54 -12.58 8.73
CA VAL A 97 -1.97 -12.40 10.12
C VAL A 97 -3.30 -13.14 10.37
N VAL A 98 -3.36 -13.90 11.47
CA VAL A 98 -4.59 -14.58 11.87
C VAL A 98 -4.90 -14.25 13.33
N LYS A 99 -6.09 -14.64 13.77
CA LYS A 99 -6.45 -14.54 15.16
C LYS A 99 -5.85 -15.71 15.93
N LYS A 100 -5.25 -15.44 17.08
CA LYS A 100 -4.77 -16.50 17.96
C LYS A 100 -5.85 -17.57 18.25
N ALA A 101 -7.09 -17.12 18.44
CA ALA A 101 -8.25 -18.01 18.72
C ALA A 101 -8.54 -19.00 17.61
N ASN A 102 -8.14 -18.66 16.38
CA ASN A 102 -8.29 -19.55 15.24
C ASN A 102 -7.13 -20.54 15.28
N GLU A 103 -7.22 -21.50 16.20
CA GLU A 103 -6.13 -22.41 16.46
C GLU A 103 -5.92 -23.44 15.35
N GLY A 104 -4.67 -23.86 15.17
CA GLY A 104 -4.40 -24.81 14.12
C GLY A 104 -4.59 -24.33 12.67
N LEU A 105 -4.88 -23.04 12.50
CA LEU A 105 -4.80 -22.43 11.18
C LEU A 105 -3.32 -22.09 10.93
N THR A 106 -2.72 -22.70 9.92
CA THR A 106 -1.33 -22.43 9.60
C THR A 106 -1.22 -22.09 8.12
N TRP A 107 -0.04 -21.73 7.64
CA TRP A 107 0.20 -21.55 6.21
C TRP A 107 -0.28 -22.73 5.36
N ASN A 108 -0.08 -23.95 5.86
CA ASN A 108 -0.43 -25.15 5.09
C ASN A 108 -1.89 -25.58 5.19
N SER A 109 -2.72 -24.84 5.90
CA SER A 109 -4.16 -25.15 5.95
C SER A 109 -5.04 -23.97 5.48
N LEU A 110 -4.46 -23.10 4.65
CA LEU A 110 -5.17 -21.89 4.19
C LEU A 110 -6.23 -22.16 3.12
N LYS A 111 -6.05 -23.24 2.35
CA LYS A 111 -7.02 -23.55 1.32
C LYS A 111 -8.47 -23.61 1.84
N ASP A 112 -9.38 -23.02 1.06
CA ASP A 112 -10.80 -22.92 1.39
C ASP A 112 -11.09 -22.10 2.64
N LYS A 113 -10.11 -21.36 3.15
CA LYS A 113 -10.41 -20.38 4.18
C LYS A 113 -10.75 -19.01 3.55
N LYS A 114 -11.09 -18.05 4.40
CA LYS A 114 -11.52 -16.72 4.01
C LYS A 114 -10.43 -15.68 4.12
N SER A 115 -10.22 -14.89 3.06
CA SER A 115 -9.05 -14.01 3.04
C SER A 115 -9.34 -12.52 2.90
N CYS A 116 -8.44 -11.70 3.45
CA CYS A 116 -8.53 -10.24 3.38
C CYS A 116 -7.27 -9.67 2.75
N HIS A 117 -7.40 -9.03 1.61
CA HIS A 117 -6.27 -8.51 0.81
C HIS A 117 -6.40 -6.98 0.70
N THR A 118 -5.28 -6.27 0.64
CA THR A 118 -5.33 -4.80 0.54
C THR A 118 -6.04 -4.35 -0.74
N ALA A 119 -5.61 -4.93 -1.87
CA ALA A 119 -6.20 -4.73 -3.20
C ALA A 119 -5.45 -5.63 -4.14
N VAL A 120 -6.12 -6.03 -5.21
CA VAL A 120 -5.44 -6.71 -6.32
C VAL A 120 -4.25 -5.85 -6.79
N ASP A 121 -3.18 -6.54 -7.16
CA ASP A 121 -1.99 -5.93 -7.74
C ASP A 121 -1.03 -5.26 -6.78
N ARG A 122 -1.35 -5.28 -5.49
CA ARG A 122 -0.50 -4.68 -4.46
C ARG A 122 0.50 -5.68 -3.89
N THR A 123 1.62 -5.20 -3.36
CA THR A 123 2.68 -6.11 -2.91
C THR A 123 2.33 -7.13 -1.80
N ALA A 124 2.05 -6.62 -0.60
CA ALA A 124 1.81 -7.47 0.56
C ALA A 124 0.42 -8.07 0.45
N GLY A 125 -0.50 -7.35 -0.17
CA GLY A 125 -1.88 -7.79 -0.16
C GLY A 125 -2.17 -8.83 -1.21
N TRP A 126 -1.37 -8.83 -2.27
CA TRP A 126 -1.69 -9.66 -3.42
C TRP A 126 -0.49 -10.36 -4.06
N ASN A 127 0.45 -9.59 -4.60
CA ASN A 127 1.50 -10.16 -5.41
C ASN A 127 2.34 -11.18 -4.66
N ILE A 128 2.67 -10.89 -3.41
CA ILE A 128 3.56 -11.78 -2.66
C ILE A 128 2.78 -13.04 -2.29
N PRO A 129 1.64 -12.88 -1.59
CA PRO A 129 0.94 -14.10 -1.14
C PRO A 129 0.38 -14.96 -2.28
N MET A 130 -0.20 -14.33 -3.31
CA MET A 130 -0.73 -15.11 -4.43
C MET A 130 0.37 -15.73 -5.30
N GLY A 131 1.52 -15.07 -5.36
CA GLY A 131 2.66 -15.59 -6.12
C GLY A 131 3.17 -16.86 -5.45
N LEU A 132 3.28 -16.83 -4.12
CA LEU A 132 3.64 -18.01 -3.35
C LEU A 132 2.61 -19.13 -3.50
N ILE A 133 1.34 -18.78 -3.42
CA ILE A 133 0.29 -19.77 -3.56
C ILE A 133 0.27 -20.40 -4.94
N VAL A 134 0.43 -19.62 -6.00
CA VAL A 134 0.53 -20.19 -7.35
C VAL A 134 1.71 -21.19 -7.44
N ASN A 135 2.89 -20.74 -7.00
CA ASN A 135 4.08 -21.59 -7.06
C ASN A 135 3.85 -22.88 -6.32
N GLN A 136 3.33 -22.75 -5.10
CA GLN A 136 3.08 -23.91 -4.25
C GLN A 136 2.03 -24.87 -4.79
N THR A 137 0.95 -24.36 -5.35
CA THR A 137 -0.10 -25.24 -5.87
C THR A 137 0.10 -25.67 -7.33
N GLY A 138 1.14 -25.15 -7.99
CA GLY A 138 1.31 -25.36 -9.43
C GLY A 138 0.06 -25.10 -10.24
N SER A 139 -0.69 -24.06 -9.89
CA SER A 139 -1.92 -23.74 -10.61
C SER A 139 -2.14 -22.22 -10.69
N CYS A 140 -2.76 -21.76 -11.78
CA CYS A 140 -3.08 -20.34 -11.93
C CYS A 140 -4.47 -20.05 -11.44
N ALA A 141 -5.08 -21.05 -10.82
CA ALA A 141 -6.45 -20.92 -10.36
C ALA A 141 -6.53 -20.32 -8.95
N PHE A 142 -5.77 -19.24 -8.75
CA PHE A 142 -5.70 -18.57 -7.45
C PHE A 142 -7.05 -17.95 -7.05
N ASP A 143 -7.97 -17.85 -8.00
CA ASP A 143 -9.33 -17.38 -7.71
C ASP A 143 -10.21 -18.50 -7.13
N GLU A 144 -9.65 -19.70 -7.00
CA GLU A 144 -10.39 -20.83 -6.46
C GLU A 144 -9.79 -21.35 -5.16
N PHE A 145 -8.68 -20.75 -4.76
CA PHE A 145 -7.98 -21.14 -3.54
C PHE A 145 -8.72 -20.81 -2.24
N PHE A 146 -9.14 -19.56 -2.06
CA PHE A 146 -9.92 -19.22 -0.87
C PHE A 146 -11.40 -19.40 -1.13
N SER A 147 -12.17 -19.80 -0.13
CA SER A 147 -13.60 -19.96 -0.33
C SER A 147 -14.23 -18.62 -0.70
N GLN A 148 -13.86 -17.57 0.05
CA GLN A 148 -14.37 -16.22 -0.14
C GLN A 148 -13.28 -15.23 0.25
N SER A 149 -13.24 -14.07 -0.39
CA SER A 149 -12.24 -13.04 -0.07
C SER A 149 -12.81 -11.65 -0.16
N CYS A 150 -12.07 -10.68 0.38
CA CYS A 150 -12.21 -9.31 -0.06
C CYS A 150 -10.88 -8.92 -0.67
N ALA A 151 -10.89 -8.74 -1.98
CA ALA A 151 -9.70 -8.34 -2.76
C ALA A 151 -10.14 -7.18 -3.66
N PRO A 152 -10.11 -5.94 -3.13
CA PRO A 152 -10.58 -4.80 -3.92
C PRO A 152 -9.94 -4.77 -5.33
N GLY A 153 -10.76 -4.51 -6.35
CA GLY A 153 -10.22 -4.54 -7.71
C GLY A 153 -10.56 -5.79 -8.50
N ALA A 154 -11.07 -6.84 -7.84
CA ALA A 154 -11.52 -8.05 -8.56
C ALA A 154 -12.98 -7.89 -8.99
N ASP A 155 -13.51 -8.86 -9.72
CA ASP A 155 -14.90 -8.80 -10.19
C ASP A 155 -15.88 -8.81 -9.01
N PRO A 156 -16.67 -7.74 -8.86
CA PRO A 156 -17.62 -7.65 -7.75
C PRO A 156 -18.57 -8.84 -7.60
N LYS A 157 -18.87 -9.53 -8.71
CA LYS A 157 -19.75 -10.71 -8.71
C LYS A 157 -18.99 -11.96 -8.31
N SER A 158 -17.66 -11.88 -8.25
CA SER A 158 -16.86 -13.08 -7.92
C SER A 158 -16.67 -13.33 -6.43
N ARG A 159 -16.27 -14.56 -6.10
CA ARG A 159 -15.95 -14.91 -4.72
C ARG A 159 -14.83 -14.05 -4.13
N LEU A 160 -13.97 -13.51 -4.99
CA LEU A 160 -12.92 -12.57 -4.56
C LEU A 160 -13.42 -11.24 -4.01
N CYS A 161 -14.69 -10.91 -4.23
CA CYS A 161 -15.28 -9.70 -3.68
C CYS A 161 -16.39 -9.98 -2.68
N ALA A 162 -16.65 -11.25 -2.43
CA ALA A 162 -17.83 -11.66 -1.63
C ALA A 162 -17.81 -11.05 -0.24
N LEU A 163 -16.61 -10.91 0.31
CA LEU A 163 -16.46 -10.41 1.67
C LEU A 163 -16.35 -8.88 1.77
N CYS A 164 -16.15 -8.20 0.63
CA CYS A 164 -16.04 -6.71 0.63
C CYS A 164 -17.38 -6.07 0.96
N ALA A 165 -17.35 -4.90 1.58
CA ALA A 165 -18.56 -4.30 2.14
C ALA A 165 -19.03 -3.02 1.45
N GLY A 166 -18.18 -2.39 0.63
CA GLY A 166 -18.59 -1.14 0.03
C GLY A 166 -18.58 -0.01 1.06
N ASP A 167 -19.33 1.04 0.77
CA ASP A 167 -19.25 2.24 1.59
C ASP A 167 -20.36 2.26 2.64
N ASP A 168 -20.54 3.40 3.30
N ASP A 168 -20.59 3.41 3.25
CA ASP A 168 -21.59 3.59 4.30
CA ASP A 168 -21.59 3.59 4.32
C ASP A 168 -22.89 2.94 3.82
C ASP A 168 -23.00 3.21 3.89
N GLN A 169 -23.28 3.27 2.59
CA GLN A 169 -24.57 2.86 2.05
C GLN A 169 -24.53 1.52 1.33
N GLY A 170 -23.40 0.84 1.38
CA GLY A 170 -23.26 -0.41 0.64
C GLY A 170 -23.01 -0.25 -0.86
N LEU A 171 -22.70 0.97 -1.30
CA LEU A 171 -22.38 1.14 -2.71
C LEU A 171 -20.88 0.95 -2.88
N ASP A 172 -20.42 0.76 -4.12
CA ASP A 172 -18.99 0.75 -4.43
C ASP A 172 -18.32 -0.47 -3.84
N LYS A 173 -19.07 -1.56 -3.71
CA LYS A 173 -18.52 -2.79 -3.17
C LYS A 173 -17.34 -3.22 -4.00
N CYS A 174 -16.20 -3.36 -3.34
CA CYS A 174 -15.00 -3.91 -3.90
C CYS A 174 -14.20 -2.93 -4.79
N VAL A 175 -14.54 -1.65 -4.76
CA VAL A 175 -13.76 -0.68 -5.54
C VAL A 175 -12.40 -0.60 -4.87
N PRO A 176 -11.34 -0.48 -5.66
CA PRO A 176 -9.99 -0.31 -5.08
C PRO A 176 -9.65 1.15 -4.71
N ASN A 177 -10.41 1.69 -3.77
CA ASN A 177 -10.14 2.98 -3.18
C ASN A 177 -10.79 2.96 -1.80
N SER A 178 -10.45 3.96 -0.99
CA SER A 178 -10.81 3.94 0.41
C SER A 178 -12.31 4.09 0.69
N LYS A 179 -13.14 4.31 -0.31
CA LYS A 179 -14.59 4.16 -0.12
C LYS A 179 -14.98 2.74 0.33
N GLU A 180 -14.26 1.74 -0.16
CA GLU A 180 -14.49 0.36 0.25
C GLU A 180 -13.96 0.18 1.69
N LYS A 181 -14.84 -0.23 2.60
CA LYS A 181 -14.54 -0.43 4.00
C LYS A 181 -13.30 -1.29 4.26
N TYR A 182 -13.12 -2.37 3.49
CA TYR A 182 -11.99 -3.27 3.73
C TYR A 182 -10.83 -3.07 2.74
N TYR A 183 -10.74 -1.87 2.17
CA TYR A 183 -9.62 -1.51 1.27
C TYR A 183 -8.33 -1.19 2.01
N GLY A 184 -7.19 -1.59 1.42
CA GLY A 184 -5.90 -1.10 1.89
C GLY A 184 -5.36 -1.86 3.08
N TYR A 185 -4.19 -1.45 3.56
CA TYR A 185 -3.62 -2.02 4.77
C TYR A 185 -4.59 -2.04 5.95
N THR A 186 -5.17 -0.88 6.25
CA THR A 186 -6.04 -0.74 7.43
C THR A 186 -7.36 -1.51 7.23
N GLY A 187 -7.95 -1.38 6.03
CA GLY A 187 -9.14 -2.10 5.66
C GLY A 187 -9.02 -3.61 5.73
N ALA A 188 -7.98 -4.18 5.13
CA ALA A 188 -7.72 -5.63 5.22
C ALA A 188 -7.50 -6.10 6.68
N PHE A 189 -6.80 -5.31 7.50
CA PHE A 189 -6.63 -5.71 8.89
C PHE A 189 -7.98 -5.60 9.65
N ARG A 190 -8.82 -4.62 9.29
CA ARG A 190 -10.17 -4.50 9.86
C ARG A 190 -11.03 -5.71 9.51
N CYS A 191 -10.87 -6.21 8.29
CA CYS A 191 -11.58 -7.39 7.78
C CYS A 191 -11.25 -8.63 8.65
N LEU A 192 -10.00 -8.73 9.08
CA LEU A 192 -9.61 -9.79 9.97
C LEU A 192 -10.13 -9.51 11.39
N ALA A 193 -9.83 -8.34 11.92
CA ALA A 193 -10.22 -7.95 13.26
C ALA A 193 -11.71 -8.22 13.56
N GLU A 194 -12.57 -8.04 12.57
CA GLU A 194 -13.99 -8.16 12.72
C GLU A 194 -14.43 -9.57 12.40
N ASP A 195 -13.45 -10.43 12.11
CA ASP A 195 -13.73 -11.84 11.83
C ASP A 195 -14.55 -12.08 10.58
N VAL A 196 -14.44 -11.17 9.62
CA VAL A 196 -15.03 -11.39 8.30
C VAL A 196 -14.18 -12.43 7.57
N GLY A 197 -12.85 -12.29 7.66
CA GLY A 197 -11.96 -13.24 7.00
C GLY A 197 -11.18 -13.99 8.04
N ASP A 198 -10.54 -15.11 7.65
CA ASP A 198 -9.60 -15.87 8.54
C ASP A 198 -8.18 -15.36 8.56
N VAL A 199 -7.80 -14.67 7.49
CA VAL A 199 -6.42 -14.24 7.29
C VAL A 199 -6.38 -12.90 6.56
N ALA A 200 -5.46 -12.02 6.97
CA ALA A 200 -5.21 -10.74 6.32
C ALA A 200 -3.75 -10.70 5.82
N PHE A 201 -3.59 -10.25 4.57
CA PHE A 201 -2.28 -10.09 4.00
C PHE A 201 -1.97 -8.60 4.00
N VAL A 202 -1.11 -8.23 4.94
CA VAL A 202 -0.78 -6.85 5.17
C VAL A 202 0.72 -6.77 5.42
N LYS A 203 1.16 -5.67 6.01
CA LYS A 203 2.55 -5.52 6.37
C LYS A 203 2.69 -5.52 7.91
N ASN A 204 3.90 -5.79 8.39
CA ASN A 204 4.13 -5.81 9.83
C ASN A 204 3.59 -4.57 10.57
N ASP A 205 3.86 -3.39 10.04
CA ASP A 205 3.53 -2.15 10.74
C ASP A 205 2.05 -1.98 11.02
N THR A 206 1.23 -2.48 10.11
CA THR A 206 -0.23 -2.38 10.21
C THR A 206 -0.76 -2.94 11.55
N VAL A 207 -0.28 -4.12 11.93
CA VAL A 207 -0.68 -4.78 13.19
C VAL A 207 -0.37 -3.91 14.42
N TRP A 208 0.86 -3.40 14.49
CA TRP A 208 1.29 -2.53 15.61
C TRP A 208 0.50 -1.24 15.68
N GLU A 209 0.21 -0.66 14.51
CA GLU A 209 -0.42 0.64 14.44
C GLU A 209 -1.89 0.60 14.76
N ASN A 210 -2.49 -0.59 14.74
CA ASN A 210 -3.92 -0.70 15.02
C ASN A 210 -4.28 -1.57 16.23
N THR A 211 -3.35 -1.68 17.17
CA THR A 211 -3.57 -2.50 18.37
C THR A 211 -3.01 -1.75 19.60
N ASN A 212 -3.42 -2.21 20.78
CA ASN A 212 -2.96 -1.72 22.08
C ASN A 212 -3.16 -0.22 22.26
N GLY A 213 -4.26 0.30 21.73
CA GLY A 213 -4.52 1.72 21.84
C GLY A 213 -3.85 2.66 20.84
N GLU A 214 -3.12 2.13 19.87
CA GLU A 214 -2.45 3.02 18.90
C GLU A 214 -3.45 3.68 17.97
N SER A 215 -4.63 3.09 17.79
CA SER A 215 -5.58 3.63 16.83
C SER A 215 -6.73 4.54 17.32
N THR A 216 -7.41 4.15 18.39
CA THR A 216 -8.61 4.89 18.84
C THR A 216 -9.85 4.83 17.91
N ALA A 217 -9.69 4.36 16.67
CA ALA A 217 -10.86 4.09 15.84
C ALA A 217 -11.72 3.03 16.52
N ASP A 218 -13.04 3.19 16.42
CA ASP A 218 -14.00 2.36 17.14
C ASP A 218 -13.74 0.86 17.02
N TRP A 219 -13.35 0.41 15.83
CA TRP A 219 -13.17 -1.02 15.62
C TRP A 219 -11.83 -1.46 16.18
N ALA A 220 -10.89 -0.53 16.34
CA ALA A 220 -9.52 -0.87 16.74
C ALA A 220 -9.17 -0.61 18.22
N LYS A 221 -10.02 0.16 18.90
CA LYS A 221 -9.90 0.51 20.34
C LYS A 221 -9.47 -0.60 21.26
N ASN A 222 -10.16 -1.74 21.15
CA ASN A 222 -9.95 -2.86 22.05
C ASN A 222 -9.09 -3.99 21.50
N LEU A 223 -8.39 -3.78 20.39
CA LEU A 223 -7.51 -4.82 19.87
C LEU A 223 -6.19 -4.89 20.63
N LYS A 224 -5.80 -6.12 20.96
CA LYS A 224 -4.59 -6.43 21.71
C LYS A 224 -3.71 -7.27 20.77
N ARG A 225 -2.45 -6.89 20.63
CA ARG A 225 -1.48 -7.66 19.81
C ARG A 225 -1.41 -9.14 20.12
N GLU A 226 -1.59 -9.50 21.39
CA GLU A 226 -1.50 -10.90 21.78
C GLU A 226 -2.63 -11.73 21.19
N ASP A 227 -3.69 -11.06 20.74
CA ASP A 227 -4.81 -11.78 20.15
C ASP A 227 -4.53 -12.17 18.70
N PHE A 228 -3.33 -11.84 18.23
CA PHE A 228 -2.93 -12.14 16.86
C PHE A 228 -1.66 -12.98 16.74
N ARG A 229 -1.59 -13.73 15.64
CA ARG A 229 -0.42 -14.52 15.24
C ARG A 229 -0.07 -14.32 13.76
N LEU A 230 1.23 -14.34 13.48
CA LEU A 230 1.76 -14.39 12.12
C LEU A 230 1.90 -15.82 11.63
N LEU A 231 1.59 -16.04 10.36
CA LEU A 231 1.84 -17.35 9.76
C LEU A 231 3.19 -17.34 9.05
N CYS A 232 4.05 -18.29 9.44
CA CYS A 232 5.35 -18.43 8.83
C CYS A 232 5.30 -19.48 7.76
N LEU A 233 6.23 -19.38 6.82
CA LEU A 233 6.21 -20.25 5.65
C LEU A 233 6.53 -21.70 6.04
N ASP A 234 7.24 -21.90 7.14
CA ASP A 234 7.52 -23.28 7.62
C ASP A 234 6.35 -23.98 8.36
N GLY A 235 5.12 -23.48 8.24
CA GLY A 235 3.97 -24.09 8.91
C GLY A 235 3.83 -23.72 10.36
N THR A 236 4.73 -22.87 10.83
CA THR A 236 4.69 -22.40 12.21
C THR A 236 3.81 -21.13 12.42
N ARG A 237 3.45 -20.82 13.67
CA ARG A 237 2.75 -19.59 14.05
C ARG A 237 3.59 -18.87 15.11
N LYS A 238 3.79 -17.58 14.92
CA LYS A 238 4.57 -16.79 15.87
C LYS A 238 3.82 -15.55 16.34
N PRO A 239 4.20 -15.04 17.51
CA PRO A 239 3.78 -13.70 17.95
C PRO A 239 4.24 -12.63 16.99
N VAL A 240 3.57 -11.49 17.04
CA VAL A 240 3.74 -10.42 16.08
C VAL A 240 5.06 -9.70 16.35
N THR A 241 5.67 -10.04 17.47
CA THR A 241 6.97 -9.49 17.83
C THR A 241 8.09 -10.13 17.01
N GLU A 242 7.77 -11.22 16.32
CA GLU A 242 8.75 -12.04 15.64
C GLU A 242 8.67 -11.93 14.13
N ALA A 243 8.23 -10.78 13.62
CA ALA A 243 8.10 -10.60 12.18
C ALA A 243 9.44 -10.71 11.41
N GLN A 244 10.56 -10.39 12.07
CA GLN A 244 11.86 -10.48 11.41
C GLN A 244 12.16 -11.95 11.06
N SER A 245 11.56 -12.89 11.79
CA SER A 245 11.77 -14.29 11.46
C SER A 245 10.52 -14.98 10.92
N CYS A 246 9.44 -14.24 10.74
CA CYS A 246 8.20 -14.85 10.27
C CYS A 246 7.42 -13.95 9.28
N HIS A 247 8.04 -13.63 8.15
CA HIS A 247 7.40 -12.84 7.09
C HIS A 247 7.43 -13.59 5.75
N LEU A 248 6.65 -13.09 4.80
CA LEU A 248 6.56 -13.73 3.50
C LEU A 248 7.57 -13.16 2.54
N ALA A 249 7.91 -11.87 2.70
CA ALA A 249 8.92 -11.21 1.87
C ALA A 249 9.26 -9.90 2.49
N VAL A 250 10.35 -9.27 2.04
CA VAL A 250 10.51 -7.85 2.29
C VAL A 250 10.08 -7.08 1.03
N ALA A 251 9.24 -6.06 1.22
CA ALA A 251 8.68 -5.28 0.11
C ALA A 251 9.43 -3.93 -0.10
N PRO A 252 9.60 -3.49 -1.36
CA PRO A 252 10.13 -2.13 -1.54
C PRO A 252 9.12 -1.05 -1.07
N ASN A 253 9.64 0.02 -0.48
CA ASN A 253 8.75 1.06 0.03
C ASN A 253 7.89 1.67 -1.11
N HIS A 254 6.70 2.17 -0.74
CA HIS A 254 5.92 2.99 -1.63
C HIS A 254 6.80 4.19 -2.03
N ALA A 255 6.55 4.69 -3.22
CA ALA A 255 7.39 5.73 -3.82
C ALA A 255 6.52 6.57 -4.75
N VAL A 256 6.86 7.85 -4.83
CA VAL A 256 6.27 8.76 -5.78
C VAL A 256 6.75 8.46 -7.19
N VAL A 257 5.81 8.39 -8.13
CA VAL A 257 6.21 8.24 -9.51
C VAL A 257 5.75 9.42 -10.38
N SER A 258 6.42 9.61 -11.49
CA SER A 258 5.99 10.61 -12.43
C SER A 258 6.49 10.25 -13.80
N ARG A 259 5.99 10.93 -14.82
CA ARG A 259 6.58 10.83 -16.15
C ARG A 259 8.04 11.26 -16.12
N SER A 260 8.88 10.53 -16.86
CA SER A 260 10.30 10.82 -16.80
C SER A 260 10.61 12.27 -17.13
N ASP A 261 9.89 12.83 -18.10
CA ASP A 261 10.15 14.23 -18.49
C ASP A 261 9.77 15.28 -17.44
N ARG A 262 9.05 14.85 -16.39
N ARG A 262 9.10 14.86 -16.36
CA ARG A 262 8.59 15.74 -15.32
CA ARG A 262 8.70 15.82 -15.34
C ARG A 262 9.33 15.49 -14.00
C ARG A 262 9.29 15.47 -13.98
N ALA A 263 10.09 14.40 -13.94
CA ALA A 263 10.68 13.91 -12.67
C ALA A 263 11.39 14.99 -11.87
N ALA A 264 12.24 15.77 -12.54
CA ALA A 264 13.08 16.75 -11.84
C ALA A 264 12.28 17.84 -11.19
N HIS A 265 11.21 18.26 -11.87
CA HIS A 265 10.37 19.35 -11.38
C HIS A 265 9.50 18.86 -10.21
N VAL A 266 8.97 17.64 -10.35
CA VAL A 266 8.20 17.03 -9.26
C VAL A 266 9.08 16.88 -8.00
N GLU A 267 10.30 16.40 -8.17
CA GLU A 267 11.24 16.25 -7.05
C GLU A 267 11.51 17.55 -6.30
N GLN A 268 11.86 18.60 -7.02
CA GLN A 268 12.13 19.89 -6.40
C GLN A 268 10.93 20.42 -5.62
N VAL A 269 9.74 20.34 -6.21
CA VAL A 269 8.55 20.80 -5.55
C VAL A 269 8.27 20.02 -4.25
N LEU A 270 8.35 18.69 -4.31
CA LEU A 270 8.03 17.82 -3.19
C LEU A 270 8.96 18.02 -1.99
N LEU A 271 10.25 18.16 -2.27
CA LEU A 271 11.23 18.45 -1.20
C LEU A 271 10.93 19.77 -0.46
N HIS A 272 10.43 20.78 -1.17
CA HIS A 272 10.01 22.03 -0.54
C HIS A 272 8.68 21.87 0.21
N GLN A 273 7.74 21.13 -0.36
CA GLN A 273 6.49 20.84 0.35
C GLN A 273 6.70 20.10 1.66
N GLN A 274 7.62 19.15 1.71
CA GLN A 274 7.86 18.43 2.96
C GLN A 274 8.58 19.25 4.05
N ALA A 275 9.43 20.18 3.62
CA ALA A 275 10.03 21.15 4.53
C ALA A 275 8.96 21.98 5.23
N LEU A 276 7.86 22.27 4.52
CA LEU A 276 6.71 22.98 5.09
C LEU A 276 5.71 22.09 5.87
N PHE A 277 5.38 20.91 5.32
CA PHE A 277 4.28 20.10 5.87
C PHE A 277 4.67 18.70 6.33
N GLY A 278 5.93 18.33 6.17
CA GLY A 278 6.44 17.05 6.61
C GLY A 278 6.57 16.93 8.11
N LYS A 279 7.32 15.92 8.55
CA LYS A 279 7.39 15.56 9.98
C LYS A 279 7.73 16.69 10.94
N ASN A 280 8.78 17.45 10.67
CA ASN A 280 9.07 18.60 11.54
C ASN A 280 8.85 19.90 10.79
N GLY A 281 7.91 19.89 9.85
CA GLY A 281 7.73 20.99 8.94
C GLY A 281 7.35 22.26 9.65
N LYS A 282 7.69 23.38 9.03
CA LYS A 282 7.39 24.71 9.55
C LYS A 282 5.92 24.88 9.88
N ASN A 283 5.06 24.21 9.12
CA ASN A 283 3.61 24.40 9.25
C ASN A 283 2.84 23.16 9.64
N CYS A 284 3.54 22.09 9.98
CA CYS A 284 2.85 20.80 9.97
C CYS A 284 1.88 20.72 11.10
N PRO A 285 2.40 20.67 12.33
CA PRO A 285 1.44 20.48 13.41
C PRO A 285 0.38 21.58 13.32
N ASP A 286 0.83 22.78 12.94
CA ASP A 286 0.08 24.01 13.09
C ASP A 286 -1.03 24.20 12.06
N LYS A 287 -0.66 24.20 10.79
CA LYS A 287 -1.62 24.36 9.72
C LYS A 287 -1.99 23.02 9.08
N PHE A 288 -1.00 22.28 8.60
CA PHE A 288 -1.26 21.07 7.81
C PHE A 288 -0.07 20.09 7.85
N CYS A 289 -0.38 18.81 8.06
CA CYS A 289 0.63 17.77 8.01
C CYS A 289 0.33 16.81 6.86
N LEU A 290 1.22 16.80 5.87
CA LEU A 290 1.18 15.86 4.73
C LEU A 290 1.04 14.39 5.09
N PHE A 291 1.75 13.96 6.14
CA PHE A 291 1.81 12.54 6.45
C PHE A 291 0.84 12.11 7.57
N LYS A 292 -0.21 12.88 7.79
CA LYS A 292 -1.28 12.44 8.67
C LYS A 292 -2.63 12.40 7.98
N SER A 293 -3.48 11.48 8.44
CA SER A 293 -4.88 11.34 8.06
C SER A 293 -5.66 10.40 9.00
N GLU A 294 -5.32 10.38 10.28
CA GLU A 294 -5.98 9.45 11.24
C GLU A 294 -6.01 7.96 10.80
N THR A 295 -4.83 7.38 10.56
CA THR A 295 -4.68 5.92 10.41
C THR A 295 -5.23 5.41 9.06
N LYS A 296 -5.53 6.37 8.17
CA LYS A 296 -6.24 6.09 6.95
C LYS A 296 -5.31 6.03 5.75
N ASN A 297 -4.07 6.42 5.96
CA ASN A 297 -2.98 6.36 4.97
C ASN A 297 -3.40 7.00 3.65
N LEU A 298 -3.81 8.27 3.71
CA LEU A 298 -4.34 8.97 2.53
C LEU A 298 -3.21 9.72 1.90
N LEU A 299 -2.98 9.45 0.61
CA LEU A 299 -1.87 9.99 -0.23
C LEU A 299 -0.52 9.38 0.08
N PHE A 300 -0.20 9.33 1.38
CA PHE A 300 1.02 8.72 1.90
C PHE A 300 0.66 7.87 3.09
N ASN A 301 1.51 6.91 3.45
CA ASN A 301 1.31 6.15 4.69
C ASN A 301 1.50 7.09 5.87
N ASP A 302 0.68 6.91 6.91
CA ASP A 302 0.77 7.76 8.11
C ASP A 302 2.07 7.59 8.87
N ASN A 303 2.74 6.45 8.72
CA ASN A 303 4.03 6.29 9.40
C ASN A 303 5.24 6.86 8.65
N THR A 304 5.00 7.59 7.57
CA THR A 304 6.10 8.14 6.80
C THR A 304 6.81 9.24 7.58
N GLU A 305 8.12 9.11 7.72
CA GLU A 305 8.90 10.16 8.36
C GLU A 305 9.26 11.26 7.36
N CYS A 306 9.66 10.85 6.16
CA CYS A 306 9.98 11.78 5.07
C CYS A 306 9.95 11.03 3.76
N LEU A 307 9.98 11.80 2.68
CA LEU A 307 10.30 11.29 1.37
C LEU A 307 11.82 11.42 1.13
N ALA A 308 12.43 10.31 0.73
CA ALA A 308 13.88 10.19 0.59
C ALA A 308 14.32 10.18 -0.87
N LYS A 309 15.46 10.78 -1.18
CA LYS A 309 16.05 10.69 -2.53
C LYS A 309 16.50 9.28 -2.80
N LEU A 310 16.57 8.90 -4.06
CA LEU A 310 16.82 7.52 -4.37
C LEU A 310 18.30 7.17 -4.45
N GLY A 311 19.05 7.70 -5.40
CA GLY A 311 20.49 7.37 -5.36
C GLY A 311 20.83 6.14 -6.15
N GLY A 312 21.76 6.33 -7.09
CA GLY A 312 21.97 5.39 -8.17
C GLY A 312 20.85 5.60 -9.15
N ARG A 313 20.20 6.76 -9.06
CA ARG A 313 19.11 7.15 -9.96
C ARG A 313 18.48 5.92 -10.60
N PRO A 314 17.80 5.08 -9.79
CA PRO A 314 17.41 3.76 -10.30
C PRO A 314 16.27 3.83 -11.31
N THR A 315 16.25 2.85 -12.20
CA THR A 315 15.09 2.60 -13.03
C THR A 315 14.00 1.92 -12.15
N TYR A 316 12.82 1.71 -12.70
CA TYR A 316 11.79 1.09 -11.90
C TYR A 316 12.21 -0.37 -11.51
N GLU A 317 12.96 -1.03 -12.40
CA GLU A 317 13.42 -2.40 -12.17
C GLU A 317 14.48 -2.48 -11.11
N GLU A 318 15.43 -1.55 -11.14
CA GLU A 318 16.40 -1.44 -10.07
C GLU A 318 15.71 -1.09 -8.77
N TYR A 319 14.72 -0.20 -8.78
CA TYR A 319 14.07 0.21 -7.53
C TYR A 319 13.33 -0.97 -6.91
N LEU A 320 12.67 -1.75 -7.73
CA LEU A 320 11.86 -2.82 -7.19
C LEU A 320 12.77 -4.00 -6.80
N GLY A 321 13.88 -4.19 -7.53
CA GLY A 321 14.79 -5.31 -7.30
C GLY A 321 14.44 -6.52 -8.14
N THR A 322 15.46 -7.23 -8.59
CA THR A 322 15.29 -8.37 -9.49
C THR A 322 14.48 -9.50 -8.87
N GLU A 323 14.65 -9.72 -7.56
CA GLU A 323 13.83 -10.67 -6.80
C GLU A 323 12.32 -10.41 -7.04
N TYR A 324 11.87 -9.24 -6.62
CA TYR A 324 10.45 -8.88 -6.71
C TYR A 324 9.91 -8.86 -8.15
N VAL A 325 10.68 -8.27 -9.06
CA VAL A 325 10.29 -8.18 -10.46
C VAL A 325 10.01 -9.56 -11.07
N THR A 326 10.82 -10.56 -10.76
CA THR A 326 10.56 -11.87 -11.33
C THR A 326 9.36 -12.56 -10.68
N ALA A 327 9.18 -12.34 -9.38
CA ALA A 327 7.94 -12.73 -8.69
C ALA A 327 6.69 -12.26 -9.46
N ILE A 328 6.63 -10.96 -9.75
CA ILE A 328 5.46 -10.40 -10.44
C ILE A 328 5.27 -10.91 -11.86
N ALA A 329 6.36 -10.99 -12.62
CA ALA A 329 6.27 -11.46 -14.02
C ALA A 329 5.67 -12.86 -14.07
N ASN A 330 6.16 -13.74 -13.19
CA ASN A 330 5.67 -15.12 -13.09
C ASN A 330 4.20 -15.22 -12.73
N LEU A 331 3.77 -14.45 -11.73
CA LEU A 331 2.36 -14.39 -11.33
C LEU A 331 1.51 -13.82 -12.46
N LYS A 332 2.07 -12.80 -13.14
CA LYS A 332 1.37 -12.11 -14.22
C LYS A 332 1.05 -13.01 -15.41
N LYS A 333 1.83 -14.07 -15.58
CA LYS A 333 1.59 -15.03 -16.67
C LYS A 333 0.33 -15.89 -16.47
N CYS A 334 -0.26 -15.85 -15.28
CA CYS A 334 -1.55 -16.47 -15.04
C CYS A 334 -2.72 -15.63 -15.56
N SER A 335 -2.53 -14.31 -15.59
CA SER A 335 -3.62 -13.41 -15.99
C SER A 335 -3.64 -13.13 -17.48
N LEU A 340 5.04 -10.80 -24.60
CA LEU A 340 4.01 -10.35 -23.68
C LEU A 340 4.54 -9.18 -22.84
N GLU A 341 5.22 -8.23 -23.50
CA GLU A 341 5.88 -7.12 -22.82
C GLU A 341 5.43 -5.75 -23.38
N ALA A 342 4.63 -5.02 -22.60
CA ALA A 342 4.15 -3.70 -23.04
C ALA A 342 3.40 -2.96 -21.93
N CYS A 343 3.07 -1.70 -22.20
CA CYS A 343 2.17 -0.94 -21.32
C CYS A 343 0.75 -1.54 -21.41
N ALA A 344 0.14 -1.75 -20.24
CA ALA A 344 -1.17 -2.41 -20.12
C ALA A 344 -2.36 -1.53 -20.52
N PHE A 345 -2.09 -0.27 -20.85
CA PHE A 345 -3.11 0.63 -21.38
C PHE A 345 -2.75 1.01 -22.80
#